data_4DA2
#
_entry.id   4DA2
#
_cell.length_a   46.017
_cell.length_b   46.017
_cell.length_c   194.575
_cell.angle_alpha   90.000
_cell.angle_beta   90.000
_cell.angle_gamma   120.000
#
_symmetry.space_group_name_H-M   'P 31'
#
loop_
_entity.id
_entity.type
_entity.pdbx_description
1 polymer 'Sugar fermentation stimulation protein homolog'
2 non-polymer 'CALCIUM ION'
3 water water
#
_entity_poly.entity_id   1
_entity_poly.type   'polypeptide(L)'
_entity_poly.pdbx_seq_one_letter_code
;AMKLMEVSPLFPCIFLRRVNRFVGLVRIKERIERALITNTGRLNEFMIPGRIGYCTPKAGGKTRYILLGFEDHGKIAIID
TRLQGKAFEKIIEKELLPELEGCRIIKREPRVGESRLDYLIECSKGEIFVETKSAVLREGEYAMYPDCPSVRGQRHIKEL
IKLARDGKRAMIVFIGALPNVSKFKPYKKGDPKIAELLKEALEAGVEIRALGLHMELSGEIIYRGELGVEI
;
_entity_poly.pdbx_strand_id   A,B
#
loop_
_chem_comp.id
_chem_comp.type
_chem_comp.name
_chem_comp.formula
CA non-polymer 'CALCIUM ION' 'Ca 2'
#
# COMPACT_ATOMS: atom_id res chain seq x y z
N ALA A 1 -4.48 4.97 -36.49
CA ALA A 1 -3.33 4.45 -35.71
C ALA A 1 -2.02 4.99 -36.25
N MET A 2 -1.05 5.19 -35.36
CA MET A 2 0.28 5.59 -35.75
C MET A 2 1.34 5.06 -34.77
N LYS A 3 2.57 4.89 -35.25
CA LYS A 3 3.66 4.38 -34.42
C LYS A 3 4.32 5.45 -33.55
N LEU A 4 4.56 5.15 -32.28
CA LEU A 4 5.22 6.09 -31.38
C LEU A 4 6.69 5.79 -31.20
N MET A 5 7.02 4.51 -31.04
CA MET A 5 8.35 4.08 -30.66
C MET A 5 8.44 2.55 -30.79
N GLU A 6 9.62 2.02 -30.51
CA GLU A 6 9.91 0.60 -30.61
C GLU A 6 10.68 0.15 -29.39
N VAL A 7 10.37 -1.06 -28.93
CA VAL A 7 11.09 -1.68 -27.85
C VAL A 7 11.87 -2.86 -28.42
N SER A 8 13.17 -2.87 -28.18
CA SER A 8 14.06 -3.93 -28.66
C SER A 8 15.14 -4.22 -27.60
N PRO A 9 15.45 -5.51 -27.32
CA PRO A 9 14.77 -6.72 -27.81
C PRO A 9 13.54 -7.09 -26.97
N LEU A 10 12.67 -7.89 -27.55
CA LEU A 10 11.44 -8.30 -26.91
C LEU A 10 11.46 -9.82 -26.83
N PHE A 11 11.36 -10.36 -25.61
CA PHE A 11 11.39 -11.81 -25.42
C PHE A 11 10.03 -12.37 -24.97
N PRO A 12 9.42 -13.26 -25.77
CA PRO A 12 8.23 -13.96 -25.25
C PRO A 12 8.67 -14.81 -24.06
N CYS A 13 7.77 -14.98 -23.09
CA CYS A 13 8.05 -15.75 -21.89
C CYS A 13 6.73 -16.35 -21.41
N ILE A 14 6.83 -17.34 -20.52
CA ILE A 14 5.65 -17.88 -19.87
C ILE A 14 5.59 -17.34 -18.46
N PHE A 15 4.45 -16.74 -18.11
CA PHE A 15 4.27 -16.27 -16.75
C PHE A 15 4.08 -17.45 -15.82
N LEU A 16 4.87 -17.51 -14.75
CA LEU A 16 4.77 -18.63 -13.80
C LEU A 16 4.01 -18.19 -12.57
N ARG A 17 4.54 -17.17 -11.88
CA ARG A 17 3.87 -16.70 -10.67
C ARG A 17 4.34 -15.31 -10.21
N ARG A 18 3.44 -14.61 -9.53
CA ARG A 18 3.80 -13.33 -8.98
C ARG A 18 4.37 -13.55 -7.59
N VAL A 19 5.55 -13.02 -7.33
CA VAL A 19 6.24 -13.19 -6.04
C VAL A 19 5.74 -12.16 -5.04
N ASN A 20 5.74 -10.90 -5.47
CA ASN A 20 5.11 -9.82 -4.74
C ASN A 20 4.66 -8.75 -5.73
N ARG A 21 4.33 -7.56 -5.24
CA ARG A 21 3.84 -6.51 -6.13
C ARG A 21 4.88 -5.96 -7.11
N PHE A 22 6.18 -6.18 -6.83
CA PHE A 22 7.27 -5.66 -7.64
C PHE A 22 7.94 -6.70 -8.55
N VAL A 23 7.74 -7.98 -8.26
CA VAL A 23 8.50 -9.03 -8.95
C VAL A 23 7.68 -10.24 -9.34
N GLY A 24 7.96 -10.78 -10.52
CA GLY A 24 7.35 -12.04 -10.96
C GLY A 24 8.40 -13.03 -11.41
N LEU A 25 8.02 -14.31 -11.46
CA LEU A 25 8.86 -15.33 -12.11
C LEU A 25 8.25 -15.73 -13.45
N VAL A 26 9.11 -15.82 -14.47
CA VAL A 26 8.72 -16.19 -15.81
C VAL A 26 9.70 -17.25 -16.34
N ARG A 27 9.26 -18.00 -17.34
CA ARG A 27 10.12 -18.92 -18.06
C ARG A 27 10.47 -18.29 -19.40
N ILE A 28 11.76 -18.15 -19.65
CA ILE A 28 12.30 -17.75 -20.92
C ILE A 28 13.21 -18.88 -21.41
N LYS A 29 12.75 -19.63 -22.40
CA LYS A 29 13.48 -20.79 -22.92
C LYS A 29 13.71 -21.81 -21.79
N GLU A 30 14.96 -22.19 -21.55
CA GLU A 30 15.23 -23.20 -20.53
C GLU A 30 15.13 -22.63 -19.11
N ARG A 31 15.16 -21.30 -19.02
CA ARG A 31 15.42 -20.62 -17.73
C ARG A 31 14.18 -20.13 -17.00
N ILE A 32 14.17 -20.26 -15.67
CA ILE A 32 13.26 -19.50 -14.82
C ILE A 32 13.94 -18.19 -14.40
N GLU A 33 13.30 -17.06 -14.71
CA GLU A 33 13.95 -15.77 -14.48
C GLU A 33 13.09 -14.84 -13.63
N ARG A 34 13.75 -14.06 -12.78
CA ARG A 34 13.11 -12.98 -12.05
C ARG A 34 12.84 -11.78 -12.98
N ALA A 35 11.61 -11.29 -13.01
CA ALA A 35 11.22 -10.19 -13.90
C ALA A 35 10.56 -9.09 -13.09
N LEU A 36 10.99 -7.85 -13.31
CA LEU A 36 10.42 -6.72 -12.63
C LEU A 36 8.99 -6.45 -13.12
N ILE A 37 8.11 -6.12 -12.18
CA ILE A 37 6.76 -5.70 -12.50
C ILE A 37 6.61 -4.25 -12.01
N THR A 38 6.30 -3.32 -12.91
CA THR A 38 6.09 -1.95 -12.50
C THR A 38 4.62 -1.64 -12.79
N ASN A 39 3.76 -2.14 -11.92
CA ASN A 39 2.33 -1.86 -11.95
C ASN A 39 1.77 -2.36 -10.61
N THR A 40 1.15 -1.45 -9.85
CA THR A 40 0.73 -1.75 -8.48
C THR A 40 -0.65 -2.37 -8.46
N GLY A 41 -1.27 -2.46 -9.65
CA GLY A 41 -2.54 -3.15 -9.81
C GLY A 41 -2.48 -4.65 -9.54
N ARG A 42 -3.65 -5.28 -9.36
CA ARG A 42 -3.68 -6.72 -9.14
C ARG A 42 -3.34 -7.46 -10.41
N LEU A 43 -3.77 -6.91 -11.55
CA LEU A 43 -3.60 -7.54 -12.85
C LEU A 43 -4.00 -9.02 -12.80
N ASN A 44 -5.08 -9.32 -12.07
CA ASN A 44 -5.57 -10.70 -11.92
C ASN A 44 -5.89 -11.43 -13.22
N GLU A 45 -6.39 -10.70 -14.22
CA GLU A 45 -6.69 -11.35 -15.50
C GLU A 45 -5.45 -11.68 -16.36
N PHE A 46 -4.32 -11.03 -16.06
CA PHE A 46 -3.09 -11.24 -16.80
C PHE A 46 -2.13 -12.20 -16.09
N MET A 47 -2.03 -12.05 -14.76
CA MET A 47 -1.04 -12.77 -13.93
C MET A 47 -1.55 -14.16 -13.63
N ILE A 48 -1.64 -14.99 -14.67
CA ILE A 48 -2.17 -16.35 -14.57
C ILE A 48 -1.08 -17.31 -15.05
N PRO A 49 -0.75 -18.32 -14.23
CA PRO A 49 0.29 -19.29 -14.64
C PRO A 49 0.00 -19.86 -16.04
N GLY A 50 0.99 -19.80 -16.93
CA GLY A 50 0.86 -20.35 -18.28
C GLY A 50 0.64 -19.30 -19.37
N ARG A 51 0.24 -18.09 -18.96
CA ARG A 51 -0.01 -16.97 -19.90
C ARG A 51 1.28 -16.48 -20.53
N ILE A 52 1.22 -16.11 -21.81
CA ILE A 52 2.38 -15.59 -22.49
C ILE A 52 2.59 -14.11 -22.16
N GLY A 53 3.76 -13.78 -21.64
CA GLY A 53 4.17 -12.38 -21.42
C GLY A 53 5.30 -12.03 -22.37
N TYR A 54 5.73 -10.78 -22.30
CA TYR A 54 6.83 -10.25 -23.09
C TYR A 54 7.75 -9.48 -22.17
N CYS A 55 9.05 -9.82 -22.20
CA CYS A 55 10.06 -9.20 -21.35
C CYS A 55 11.08 -8.43 -22.19
N THR A 56 11.76 -7.46 -21.58
CA THR A 56 12.94 -6.84 -22.18
C THR A 56 14.06 -6.78 -21.13
N PRO A 57 15.34 -6.82 -21.59
CA PRO A 57 16.43 -6.83 -20.60
C PRO A 57 16.50 -5.50 -19.90
N LYS A 58 17.07 -5.49 -18.70
CA LYS A 58 17.30 -4.27 -17.95
C LYS A 58 18.77 -4.29 -17.55
N ALA A 59 19.55 -3.33 -18.02
CA ALA A 59 20.99 -3.26 -17.68
C ALA A 59 21.17 -2.64 -16.29
N GLY A 60 21.42 -3.51 -15.30
CA GLY A 60 21.47 -3.08 -13.90
C GLY A 60 20.10 -2.67 -13.36
N GLY A 61 19.85 -2.90 -12.08
CA GLY A 61 20.80 -3.54 -11.18
C GLY A 61 20.25 -4.82 -10.59
N LYS A 62 19.21 -4.70 -9.78
CA LYS A 62 18.70 -5.82 -8.99
C LYS A 62 18.12 -6.95 -9.85
N THR A 63 17.36 -6.59 -10.87
CA THR A 63 16.73 -7.58 -11.75
C THR A 63 17.16 -7.31 -13.21
N ARG A 64 17.33 -8.38 -13.98
CA ARG A 64 17.85 -8.30 -15.35
C ARG A 64 16.77 -8.27 -16.42
N TYR A 65 15.51 -8.46 -16.02
CA TYR A 65 14.39 -8.41 -16.98
C TYR A 65 13.25 -7.58 -16.47
N ILE A 66 12.54 -6.92 -17.40
CA ILE A 66 11.29 -6.24 -17.07
C ILE A 66 10.17 -6.97 -17.81
N LEU A 67 9.12 -7.34 -17.06
CA LEU A 67 7.91 -7.89 -17.69
C LEU A 67 7.05 -6.71 -18.20
N LEU A 68 7.07 -6.47 -19.52
CA LEU A 68 6.44 -5.28 -20.09
C LEU A 68 4.95 -5.40 -20.31
N GLY A 69 4.51 -6.61 -20.61
CA GLY A 69 3.15 -6.89 -21.01
C GLY A 69 2.80 -8.34 -21.24
N PHE A 70 1.58 -8.55 -21.72
CA PHE A 70 1.04 -9.87 -21.95
C PHE A 70 0.37 -9.97 -23.33
N GLU A 71 0.33 -11.18 -23.85
CA GLU A 71 -0.33 -11.42 -25.11
C GLU A 71 -1.79 -11.12 -24.89
N ASP A 72 -2.39 -10.43 -25.84
CA ASP A 72 -3.79 -10.04 -25.70
C ASP A 72 -4.31 -9.88 -27.11
N HIS A 73 -5.20 -10.79 -27.50
CA HIS A 73 -5.84 -10.76 -28.80
C HIS A 73 -4.84 -10.62 -29.97
N GLY A 74 -3.71 -11.31 -29.87
CA GLY A 74 -2.74 -11.33 -30.93
C GLY A 74 -1.75 -10.18 -30.89
N LYS A 75 -1.98 -9.24 -29.99
CA LYS A 75 -1.09 -8.09 -29.83
C LYS A 75 -0.54 -8.21 -28.41
N ILE A 76 -0.04 -7.10 -27.87
CA ILE A 76 0.48 -7.08 -26.50
C ILE A 76 -0.15 -5.94 -25.68
N ALA A 77 -0.75 -6.27 -24.53
CA ALA A 77 -1.23 -5.27 -23.56
C ALA A 77 0.00 -4.80 -22.78
N ILE A 78 0.18 -3.50 -22.63
CA ILE A 78 1.37 -3.00 -21.92
C ILE A 78 0.96 -2.75 -20.48
N ILE A 79 1.51 -3.56 -19.58
CA ILE A 79 1.30 -3.35 -18.14
C ILE A 79 2.32 -2.46 -17.44
N ASP A 80 3.50 -2.28 -18.04
CA ASP A 80 4.59 -1.54 -17.40
C ASP A 80 4.29 -0.05 -17.44
N THR A 81 4.18 0.56 -16.27
CA THR A 81 3.80 1.99 -16.20
C THR A 81 4.91 2.92 -16.69
N ARG A 82 6.16 2.49 -16.56
CA ARG A 82 7.30 3.23 -17.11
C ARG A 82 7.24 3.31 -18.64
N LEU A 83 6.93 2.19 -19.30
CA LEU A 83 6.81 2.15 -20.73
C LEU A 83 5.60 3.01 -21.15
N GLN A 84 4.48 2.83 -20.46
CA GLN A 84 3.27 3.67 -20.72
C GLN A 84 3.67 5.15 -20.66
N GLY A 85 4.40 5.53 -19.61
CA GLY A 85 4.87 6.90 -19.46
C GLY A 85 5.76 7.33 -20.62
N LYS A 86 6.65 6.45 -21.09
CA LYS A 86 7.56 6.78 -22.21
C LYS A 86 6.72 7.01 -23.48
N ALA A 87 5.68 6.19 -23.64
CA ALA A 87 4.73 6.32 -24.77
C ALA A 87 4.01 7.67 -24.70
N PHE A 88 3.50 8.01 -23.52
CA PHE A 88 2.93 9.35 -23.31
C PHE A 88 3.91 10.48 -23.67
N GLU A 89 5.15 10.40 -23.18
CA GLU A 89 6.21 11.34 -23.49
C GLU A 89 6.45 11.48 -25.02
N LYS A 90 6.32 10.38 -25.76
CA LYS A 90 6.45 10.45 -27.21
C LYS A 90 5.29 11.19 -27.83
N ILE A 91 4.08 10.91 -27.33
CA ILE A 91 2.89 11.66 -27.74
C ILE A 91 3.08 13.18 -27.53
N ILE A 92 3.61 13.56 -26.37
CA ILE A 92 3.90 14.99 -26.09
C ILE A 92 4.98 15.54 -27.05
N GLU A 93 6.05 14.78 -27.22
CA GLU A 93 7.18 15.15 -28.08
C GLU A 93 6.73 15.42 -29.51
N LYS A 94 5.93 14.49 -30.03
CA LYS A 94 5.49 14.52 -31.43
C LYS A 94 4.28 15.45 -31.63
N GLU A 95 3.83 16.04 -30.51
CA GLU A 95 2.65 16.93 -30.43
C GLU A 95 1.39 16.32 -31.05
N LEU A 96 1.06 15.10 -30.65
CA LEU A 96 -0.03 14.36 -31.28
C LEU A 96 -1.40 14.62 -30.66
N LEU A 97 -1.40 15.32 -29.53
CA LEU A 97 -2.61 15.84 -28.91
C LEU A 97 -2.70 17.34 -29.26
N PRO A 98 -3.63 17.70 -30.17
CA PRO A 98 -3.72 19.09 -30.65
C PRO A 98 -3.74 20.12 -29.53
N GLU A 99 -4.43 19.82 -28.42
CA GLU A 99 -4.55 20.79 -27.31
C GLU A 99 -3.21 21.04 -26.63
N LEU A 100 -2.26 20.12 -26.77
CA LEU A 100 -0.93 20.27 -26.15
C LEU A 100 0.19 20.62 -27.16
N GLU A 101 -0.20 21.08 -28.35
CA GLU A 101 0.77 21.58 -29.32
C GLU A 101 1.56 22.74 -28.78
N GLY A 102 2.87 22.71 -29.03
CA GLY A 102 3.74 23.76 -28.52
C GLY A 102 3.99 23.65 -27.03
N CYS A 103 3.59 22.53 -26.42
CA CYS A 103 3.83 22.27 -25.00
C CYS A 103 4.87 21.18 -24.83
N ARG A 104 5.65 21.27 -23.75
CA ARG A 104 6.65 20.25 -23.44
C ARG A 104 6.76 19.99 -21.94
N ILE A 105 7.27 18.81 -21.57
CA ILE A 105 7.47 18.50 -20.12
C ILE A 105 8.66 19.33 -19.63
N ILE A 106 8.46 20.01 -18.49
CA ILE A 106 9.55 20.75 -17.84
C ILE A 106 9.92 20.17 -16.48
N LYS A 107 9.01 19.40 -15.87
CA LYS A 107 9.31 18.73 -14.60
C LYS A 107 8.63 17.40 -14.57
N ARG A 108 9.35 16.40 -14.07
CA ARG A 108 8.79 15.06 -13.81
C ARG A 108 8.64 14.86 -12.31
N GLU A 109 7.54 14.25 -11.91
CA GLU A 109 7.20 14.05 -10.47
C GLU A 109 7.27 15.26 -9.53
N PRO A 110 6.77 16.44 -9.95
CA PRO A 110 6.79 17.57 -9.04
C PRO A 110 5.87 17.32 -7.85
N ARG A 111 6.26 17.85 -6.69
CA ARG A 111 5.40 17.83 -5.54
C ARG A 111 4.18 18.72 -5.74
N VAL A 112 3.01 18.19 -5.39
CA VAL A 112 1.75 18.91 -5.41
C VAL A 112 1.00 18.49 -4.16
N GLY A 113 0.73 19.46 -3.29
CA GLY A 113 0.06 19.18 -2.00
C GLY A 113 0.84 18.14 -1.21
N GLU A 114 0.17 17.06 -0.83
CA GLU A 114 0.78 16.01 -0.04
C GLU A 114 1.45 14.92 -0.87
N SER A 115 1.39 15.05 -2.19
CA SER A 115 1.79 13.97 -3.07
C SER A 115 2.74 14.47 -4.19
N ARG A 116 2.87 13.69 -5.25
CA ARG A 116 3.58 14.11 -6.46
C ARG A 116 2.73 13.70 -7.65
N LEU A 117 2.63 14.57 -8.65
CA LEU A 117 1.94 14.20 -9.90
C LEU A 117 2.98 13.96 -10.98
N ASP A 118 2.60 13.24 -12.04
CA ASP A 118 3.58 12.79 -13.03
C ASP A 118 4.35 13.89 -13.72
N TYR A 119 3.63 14.91 -14.23
CA TYR A 119 4.28 15.95 -15.07
C TYR A 119 3.80 17.36 -14.79
N LEU A 120 4.75 18.30 -14.87
CA LEU A 120 4.42 19.70 -15.10
C LEU A 120 4.84 19.96 -16.53
N ILE A 121 3.88 20.44 -17.30
CA ILE A 121 4.05 20.70 -18.73
C ILE A 121 3.90 22.20 -18.97
N GLU A 122 4.78 22.75 -19.78
CA GLU A 122 4.76 24.18 -20.08
C GLU A 122 4.29 24.41 -21.49
N CYS A 123 3.29 25.29 -21.62
CA CYS A 123 2.74 25.68 -22.92
C CYS A 123 3.00 27.18 -23.19
N SER A 124 2.57 27.66 -24.35
CA SER A 124 2.68 29.07 -24.68
C SER A 124 2.00 29.99 -23.67
N LYS A 125 0.79 29.65 -23.28
CA LYS A 125 0.00 30.56 -22.46
C LYS A 125 -0.01 30.24 -20.97
N GLY A 126 0.67 29.15 -20.59
CA GLY A 126 0.72 28.74 -19.18
C GLY A 126 1.21 27.32 -18.95
N GLU A 127 1.06 26.86 -17.71
CA GLU A 127 1.50 25.52 -17.32
C GLU A 127 0.31 24.62 -17.03
N ILE A 128 0.54 23.31 -17.10
CA ILE A 128 -0.48 22.31 -16.77
C ILE A 128 0.16 21.12 -16.05
N PHE A 129 -0.47 20.72 -14.95
CA PHE A 129 -0.09 19.47 -14.27
C PHE A 129 -0.84 18.31 -14.89
N VAL A 130 -0.09 17.26 -15.24
CA VAL A 130 -0.70 16.07 -15.88
C VAL A 130 -0.33 14.80 -15.12
N GLU A 131 -1.35 14.04 -14.69
CA GLU A 131 -1.17 12.73 -14.08
C GLU A 131 -1.63 11.68 -15.08
N THR A 132 -0.79 10.65 -15.27
CA THR A 132 -1.18 9.56 -16.17
C THR A 132 -1.44 8.30 -15.36
N LYS A 133 -2.51 7.58 -15.70
CA LYS A 133 -2.81 6.31 -15.00
C LYS A 133 -2.95 5.11 -15.94
N SER A 134 -2.50 3.94 -15.49
CA SER A 134 -2.68 2.72 -16.26
C SER A 134 -4.14 2.30 -16.28
N ALA A 135 -4.67 2.01 -17.47
CA ALA A 135 -6.02 1.47 -17.61
C ALA A 135 -6.04 0.23 -18.47
N VAL A 136 -5.68 -0.90 -17.87
CA VAL A 136 -5.52 -2.13 -18.65
C VAL A 136 -6.48 -3.24 -18.19
N LEU A 137 -7.52 -2.84 -17.46
CA LEU A 137 -8.60 -3.75 -17.10
C LEU A 137 -9.69 -3.65 -18.16
N ARG A 138 -10.07 -4.78 -18.76
CA ARG A 138 -10.98 -4.76 -19.89
C ARG A 138 -12.38 -5.18 -19.50
N GLU A 139 -13.35 -4.42 -19.98
CA GLU A 139 -14.74 -4.86 -20.00
C GLU A 139 -15.30 -4.55 -21.38
N GLY A 140 -15.32 -5.57 -22.23
CA GLY A 140 -15.76 -5.40 -23.62
C GLY A 140 -14.92 -4.39 -24.39
N GLU A 141 -15.54 -3.29 -24.80
CA GLU A 141 -14.84 -2.26 -25.55
C GLU A 141 -14.18 -1.24 -24.64
N TYR A 142 -14.35 -1.39 -23.32
CA TYR A 142 -13.83 -0.41 -22.35
C TYR A 142 -12.46 -0.83 -21.81
N ALA A 143 -11.54 0.14 -21.71
CA ALA A 143 -10.43 0.06 -20.75
C ALA A 143 -10.89 0.71 -19.47
N MET A 144 -10.45 0.17 -18.34
CA MET A 144 -10.89 0.64 -17.04
C MET A 144 -9.79 0.85 -16.02
N TYR A 145 -10.08 1.75 -15.08
CA TYR A 145 -9.21 1.99 -13.94
C TYR A 145 -10.06 2.26 -12.71
N PRO A 146 -9.63 1.77 -11.53
CA PRO A 146 -8.45 0.92 -11.32
C PRO A 146 -8.95 -0.51 -11.21
N ASP A 147 -8.08 -1.49 -10.94
CA ASP A 147 -8.61 -2.85 -10.75
C ASP A 147 -8.76 -3.27 -9.29
N CYS A 148 -8.41 -2.37 -8.39
CA CYS A 148 -8.54 -2.55 -6.97
C CYS A 148 -8.33 -1.18 -6.35
N PRO A 149 -8.66 -1.02 -5.05
CA PRO A 149 -8.53 0.30 -4.41
C PRO A 149 -7.12 0.85 -4.48
N SER A 150 -7.01 2.14 -4.74
CA SER A 150 -5.74 2.83 -4.84
C SER A 150 -5.83 4.08 -4.00
N VAL A 151 -5.15 4.06 -2.85
CA VAL A 151 -5.09 5.23 -1.99
C VAL A 151 -4.21 6.30 -2.63
N ARG A 152 -3.11 5.83 -3.24
CA ARG A 152 -2.21 6.64 -4.03
C ARG A 152 -3.03 7.42 -5.06
N GLY A 153 -3.87 6.72 -5.83
CA GLY A 153 -4.73 7.35 -6.84
C GLY A 153 -5.80 8.27 -6.29
N GLN A 154 -6.39 7.92 -5.15
CA GLN A 154 -7.34 8.81 -4.49
C GLN A 154 -6.67 10.14 -4.13
N ARG A 155 -5.44 10.06 -3.61
CA ARG A 155 -4.63 11.25 -3.30
C ARG A 155 -4.35 12.10 -4.52
N HIS A 156 -3.94 11.45 -5.61
CA HIS A 156 -3.64 12.18 -6.83
C HIS A 156 -4.87 12.93 -7.35
N ILE A 157 -6.02 12.27 -7.37
CA ILE A 157 -7.24 12.91 -7.90
C ILE A 157 -7.63 14.10 -7.01
N LYS A 158 -7.46 13.94 -5.69
CA LYS A 158 -7.73 15.04 -4.76
C LYS A 158 -6.85 16.25 -5.01
N GLU A 159 -5.56 16.02 -5.32
CA GLU A 159 -4.67 17.13 -5.59
C GLU A 159 -5.03 17.82 -6.92
N LEU A 160 -5.49 17.00 -7.90
CA LEU A 160 -5.93 17.54 -9.19
C LEU A 160 -7.16 18.45 -9.01
N ILE A 161 -8.11 17.98 -8.21
CA ILE A 161 -9.32 18.73 -7.90
C ILE A 161 -8.95 20.08 -7.26
N LYS A 162 -8.04 20.05 -6.28
CA LYS A 162 -7.64 21.28 -5.59
C LYS A 162 -6.96 22.28 -6.55
N LEU A 163 -6.06 21.78 -7.41
CA LEU A 163 -5.46 22.61 -8.45
C LEU A 163 -6.56 23.33 -9.30
N ALA A 164 -7.53 22.55 -9.80
CA ALA A 164 -8.59 23.12 -10.66
C ALA A 164 -9.43 24.16 -9.94
N ARG A 165 -9.72 23.92 -8.67
CA ARG A 165 -10.50 24.88 -7.85
C ARG A 165 -9.71 26.15 -7.54
N ASP A 166 -8.39 25.99 -7.46
CA ASP A 166 -7.50 27.14 -7.34
C ASP A 166 -7.30 27.84 -8.69
N GLY A 167 -8.00 27.36 -9.70
CA GLY A 167 -7.91 27.90 -11.06
C GLY A 167 -6.61 27.58 -11.80
N LYS A 168 -5.97 26.48 -11.45
CA LYS A 168 -4.81 26.02 -12.20
C LYS A 168 -5.22 24.94 -13.19
N ARG A 169 -4.41 24.74 -14.23
CA ARG A 169 -4.71 23.75 -15.25
C ARG A 169 -4.27 22.38 -14.76
N ALA A 170 -5.20 21.43 -14.82
CA ALA A 170 -4.94 20.08 -14.38
C ALA A 170 -5.58 19.08 -15.34
N MET A 171 -4.90 17.96 -15.55
CA MET A 171 -5.35 16.90 -16.47
C MET A 171 -5.01 15.51 -15.94
N ILE A 172 -5.95 14.58 -16.08
CA ILE A 172 -5.67 13.17 -15.90
C ILE A 172 -5.83 12.44 -17.21
N VAL A 173 -4.84 11.62 -17.53
CA VAL A 173 -4.84 10.87 -18.78
C VAL A 173 -4.78 9.39 -18.46
N PHE A 174 -5.80 8.64 -18.87
CA PHE A 174 -5.80 7.20 -18.72
C PHE A 174 -5.16 6.54 -19.94
N ILE A 175 -4.16 5.71 -19.69
CA ILE A 175 -3.46 5.01 -20.76
C ILE A 175 -4.09 3.62 -20.91
N GLY A 176 -4.98 3.52 -21.89
CA GLY A 176 -5.70 2.28 -22.22
C GLY A 176 -4.81 1.46 -23.12
N ALA A 177 -3.73 0.96 -22.54
CA ALA A 177 -2.71 0.19 -23.25
C ALA A 177 -3.11 -1.26 -23.52
N LEU A 178 -4.36 -1.45 -23.96
CA LEU A 178 -4.91 -2.75 -24.37
C LEU A 178 -5.27 -2.63 -25.84
N PRO A 179 -5.05 -3.69 -26.62
CA PRO A 179 -5.61 -3.69 -27.97
C PRO A 179 -7.14 -3.83 -27.89
N ASN A 180 -7.81 -3.45 -28.97
CA ASN A 180 -9.27 -3.61 -29.13
C ASN A 180 -10.13 -3.04 -28.01
N VAL A 181 -9.85 -1.81 -27.63
CA VAL A 181 -10.76 -1.07 -26.78
C VAL A 181 -10.96 0.26 -27.48
N SER A 182 -12.15 0.83 -27.33
CA SER A 182 -12.48 2.10 -28.00
C SER A 182 -13.00 3.14 -27.03
N LYS A 183 -13.19 2.72 -25.79
CA LYS A 183 -13.77 3.57 -24.73
C LYS A 183 -13.03 3.40 -23.42
N PHE A 184 -13.26 4.34 -22.49
CA PHE A 184 -12.78 4.26 -21.13
C PHE A 184 -13.90 4.51 -20.13
N LYS A 185 -13.94 3.77 -19.01
CA LYS A 185 -14.72 4.17 -17.84
C LYS A 185 -14.07 3.72 -16.55
N PRO A 186 -14.33 4.42 -15.43
CA PRO A 186 -13.86 3.91 -14.13
C PRO A 186 -14.50 2.56 -13.79
N TYR A 187 -13.71 1.70 -13.16
CA TYR A 187 -14.21 0.44 -12.66
C TYR A 187 -14.65 0.72 -11.24
N LYS A 188 -15.95 1.02 -11.13
CA LYS A 188 -16.58 1.48 -9.88
C LYS A 188 -16.35 0.48 -8.77
N LYS A 189 -16.60 -0.80 -9.03
CA LYS A 189 -16.37 -1.88 -8.04
C LYS A 189 -14.94 -1.89 -7.52
N GLY A 190 -13.97 -1.71 -8.42
CA GLY A 190 -12.54 -1.66 -8.04
C GLY A 190 -12.21 -0.61 -7.00
N ASP A 191 -12.80 0.57 -7.17
CA ASP A 191 -12.62 1.62 -6.19
C ASP A 191 -13.74 2.68 -6.28
N PRO A 192 -14.83 2.51 -5.51
CA PRO A 192 -16.00 3.39 -5.57
C PRO A 192 -15.66 4.84 -5.20
N LYS A 193 -14.69 5.06 -4.31
CA LYS A 193 -14.24 6.42 -3.94
C LYS A 193 -13.62 7.13 -5.16
N ILE A 194 -12.83 6.38 -5.93
CA ILE A 194 -12.19 6.92 -7.12
C ILE A 194 -13.23 7.27 -8.19
N ALA A 195 -14.21 6.40 -8.39
CA ALA A 195 -15.28 6.71 -9.35
C ALA A 195 -16.01 8.01 -8.94
N GLU A 196 -16.31 8.16 -7.64
CA GLU A 196 -16.94 9.40 -7.12
C GLU A 196 -16.03 10.62 -7.31
N LEU A 197 -14.75 10.47 -6.96
CA LEU A 197 -13.75 11.52 -7.11
C LEU A 197 -13.57 11.97 -8.57
N LEU A 198 -13.63 11.03 -9.53
CA LEU A 198 -13.48 11.41 -10.96
C LEU A 198 -14.64 12.29 -11.46
N LYS A 199 -15.84 12.02 -10.95
CA LYS A 199 -17.03 12.87 -11.21
C LYS A 199 -16.80 14.26 -10.67
N GLU A 200 -16.28 14.33 -9.44
CA GLU A 200 -15.97 15.60 -8.79
C GLU A 200 -14.90 16.36 -9.56
N ALA A 201 -13.88 15.63 -10.04
CA ALA A 201 -12.84 16.21 -10.89
C ALA A 201 -13.39 16.89 -12.15
N LEU A 202 -14.24 16.17 -12.89
CA LEU A 202 -14.90 16.72 -14.08
C LEU A 202 -15.59 18.04 -13.76
N GLU A 203 -16.38 18.03 -12.68
CA GLU A 203 -17.10 19.21 -12.24
C GLU A 203 -16.21 20.36 -11.84
N ALA A 204 -15.04 20.05 -11.27
CA ALA A 204 -14.12 21.04 -10.75
C ALA A 204 -13.29 21.70 -11.84
N GLY A 205 -13.21 21.08 -13.02
CA GLY A 205 -12.40 21.63 -14.12
C GLY A 205 -11.18 20.78 -14.47
N VAL A 206 -11.01 19.63 -13.82
CA VAL A 206 -9.89 18.74 -14.20
C VAL A 206 -10.21 18.11 -15.56
N GLU A 207 -9.30 18.26 -16.52
CA GLU A 207 -9.54 17.67 -17.85
C GLU A 207 -9.27 16.18 -17.80
N ILE A 208 -10.16 15.39 -18.37
CA ILE A 208 -9.97 13.93 -18.38
C ILE A 208 -9.82 13.43 -19.84
N ARG A 209 -8.74 12.68 -20.10
CA ARG A 209 -8.52 12.10 -21.45
C ARG A 209 -8.21 10.62 -21.25
N ALA A 210 -8.41 9.85 -22.31
CA ALA A 210 -8.01 8.45 -22.35
C ALA A 210 -7.47 8.11 -23.74
N LEU A 211 -6.36 7.37 -23.76
CA LEU A 211 -5.68 7.04 -25.01
C LEU A 211 -5.59 5.55 -25.23
N GLY A 212 -5.79 5.10 -26.47
CA GLY A 212 -5.64 3.68 -26.79
C GLY A 212 -4.25 3.40 -27.33
N LEU A 213 -3.59 2.38 -26.75
CA LEU A 213 -2.25 2.01 -27.13
C LEU A 213 -2.14 0.49 -27.07
N HIS A 214 -1.22 -0.04 -27.85
CA HIS A 214 -0.81 -1.44 -27.72
C HIS A 214 0.60 -1.57 -28.30
N MET A 215 1.19 -2.75 -28.10
CA MET A 215 2.47 -3.08 -28.68
C MET A 215 2.25 -4.29 -29.59
N GLU A 216 2.90 -4.25 -30.75
CA GLU A 216 2.87 -5.36 -31.69
C GLU A 216 3.96 -6.34 -31.27
N LEU A 217 3.85 -7.57 -31.74
CA LEU A 217 4.86 -8.59 -31.43
C LEU A 217 6.25 -8.20 -31.91
N SER A 218 6.30 -7.35 -32.94
CA SER A 218 7.52 -6.72 -33.42
C SER A 218 8.21 -5.75 -32.44
N GLY A 219 7.52 -5.36 -31.36
CA GLY A 219 8.08 -4.36 -30.45
C GLY A 219 7.58 -2.96 -30.73
N GLU A 220 6.87 -2.77 -31.84
CA GLU A 220 6.36 -1.42 -32.20
C GLU A 220 5.21 -1.02 -31.30
N ILE A 221 5.27 0.20 -30.78
CA ILE A 221 4.22 0.70 -29.90
C ILE A 221 3.31 1.60 -30.74
N ILE A 222 2.03 1.27 -30.70
CA ILE A 222 1.04 1.88 -31.60
C ILE A 222 0.06 2.75 -30.81
N TYR A 223 -0.13 3.99 -31.27
CA TYR A 223 -1.08 4.88 -30.63
C TYR A 223 -2.31 4.88 -31.53
N ARG A 224 -3.44 4.40 -31.00
CA ARG A 224 -4.66 4.23 -31.77
C ARG A 224 -5.53 5.51 -31.78
N GLY A 225 -5.21 6.47 -30.92
CA GLY A 225 -5.98 7.70 -30.78
C GLY A 225 -6.68 7.74 -29.44
N GLU A 226 -7.64 8.66 -29.30
CA GLU A 226 -8.35 8.76 -28.02
C GLU A 226 -9.48 7.75 -27.89
N LEU A 227 -9.80 7.42 -26.64
CA LEU A 227 -10.92 6.54 -26.32
C LEU A 227 -12.07 7.43 -25.85
N GLY A 228 -13.29 6.97 -26.09
CA GLY A 228 -14.48 7.69 -25.65
C GLY A 228 -14.62 7.58 -24.14
N VAL A 229 -14.56 8.72 -23.46
CA VAL A 229 -14.60 8.80 -22.01
C VAL A 229 -16.02 8.82 -21.45
N GLU A 230 -16.29 7.89 -20.55
CA GLU A 230 -17.51 7.92 -19.72
C GLU A 230 -17.14 8.03 -18.25
N ILE A 231 -17.79 8.94 -17.53
CA ILE A 231 -17.49 9.14 -16.10
C ILE A 231 -18.82 9.17 -15.34
N ALA B 1 -11.84 3.04 7.19
CA ALA B 1 -12.08 3.55 5.82
C ALA B 1 -11.40 2.72 4.74
N MET B 2 -10.59 1.74 5.12
CA MET B 2 -9.98 0.85 4.13
C MET B 2 -9.72 -0.56 4.68
N LYS B 3 -10.17 -1.57 3.94
CA LYS B 3 -9.89 -2.98 4.29
C LYS B 3 -8.45 -3.34 3.94
N LEU B 4 -7.70 -3.83 4.92
CA LEU B 4 -6.30 -4.22 4.74
C LEU B 4 -6.13 -5.67 4.35
N MET B 5 -6.97 -6.54 4.93
CA MET B 5 -6.78 -7.99 4.82
C MET B 5 -7.93 -8.68 5.57
N GLU B 6 -7.99 -10.01 5.55
CA GLU B 6 -8.99 -10.71 6.35
C GLU B 6 -8.40 -11.94 7.02
N VAL B 7 -8.93 -12.26 8.19
CA VAL B 7 -8.56 -13.46 8.94
C VAL B 7 -9.72 -14.46 8.99
N SER B 8 -9.40 -15.73 8.72
CA SER B 8 -10.36 -16.83 8.85
C SER B 8 -9.66 -18.19 9.08
N PRO B 9 -10.31 -19.09 9.83
CA PRO B 9 -11.55 -18.91 10.55
C PRO B 9 -11.33 -18.18 11.87
N LEU B 10 -12.39 -17.56 12.39
CA LEU B 10 -12.38 -16.98 13.73
C LEU B 10 -13.34 -17.77 14.59
N PHE B 11 -12.84 -18.26 15.72
CA PHE B 11 -13.65 -18.98 16.70
C PHE B 11 -13.93 -18.11 17.92
N PRO B 12 -15.21 -17.77 18.15
CA PRO B 12 -15.58 -17.04 19.37
C PRO B 12 -15.26 -17.94 20.55
N CYS B 13 -14.89 -17.32 21.66
CA CYS B 13 -14.51 -18.09 22.83
C CYS B 13 -14.76 -17.26 24.09
N ILE B 14 -14.77 -17.92 25.23
CA ILE B 14 -14.89 -17.22 26.50
C ILE B 14 -13.52 -17.26 27.17
N PHE B 15 -12.96 -16.10 27.53
CA PHE B 15 -11.69 -16.07 28.20
C PHE B 15 -11.87 -16.63 29.62
N LEU B 16 -10.99 -17.55 30.04
CA LEU B 16 -11.12 -18.13 31.37
C LEU B 16 -10.05 -17.59 32.31
N ARG B 17 -8.78 -17.78 31.94
CA ARG B 17 -7.70 -17.24 32.73
C ARG B 17 -6.36 -17.18 31.97
N ARG B 18 -5.53 -16.26 32.39
CA ARG B 18 -4.20 -16.20 31.83
C ARG B 18 -3.30 -17.02 32.73
N VAL B 19 -2.66 -18.03 32.14
CA VAL B 19 -1.77 -18.93 32.84
C VAL B 19 -0.39 -18.31 33.04
N ASN B 20 0.17 -17.77 31.96
CA ASN B 20 1.40 -17.00 32.02
C ASN B 20 1.41 -15.94 30.91
N ARG B 21 2.56 -15.29 30.70
CA ARG B 21 2.61 -14.21 29.71
C ARG B 21 2.20 -14.66 28.33
N PHE B 22 2.47 -15.92 28.02
CA PHE B 22 2.33 -16.43 26.66
C PHE B 22 1.13 -17.34 26.47
N VAL B 23 0.40 -17.63 27.54
CA VAL B 23 -0.58 -18.73 27.49
C VAL B 23 -1.85 -18.39 28.22
N GLY B 24 -2.98 -18.53 27.54
CA GLY B 24 -4.30 -18.36 28.17
C GLY B 24 -5.14 -19.61 28.03
N LEU B 25 -6.15 -19.74 28.89
CA LEU B 25 -7.14 -20.82 28.73
C LEU B 25 -8.47 -20.18 28.37
N VAL B 26 -9.14 -20.76 27.39
CA VAL B 26 -10.40 -20.24 26.89
C VAL B 26 -11.40 -21.39 26.73
N ARG B 27 -12.68 -21.03 26.63
CA ARG B 27 -13.71 -22.03 26.33
C ARG B 27 -14.18 -21.84 24.90
N ILE B 28 -14.07 -22.91 24.12
CA ILE B 28 -14.60 -22.97 22.75
C ILE B 28 -15.60 -24.12 22.68
N LYS B 29 -16.86 -23.78 22.48
CA LYS B 29 -17.96 -24.76 22.58
C LYS B 29 -17.90 -25.49 23.92
N GLU B 30 -17.78 -26.82 23.86
CA GLU B 30 -17.86 -27.59 25.12
C GLU B 30 -16.54 -27.68 25.88
N ARG B 31 -15.44 -27.31 25.23
CA ARG B 31 -14.13 -27.63 25.80
C ARG B 31 -13.32 -26.43 26.28
N ILE B 32 -12.39 -26.70 27.17
CA ILE B 32 -11.44 -25.70 27.58
C ILE B 32 -10.19 -25.94 26.76
N GLU B 33 -9.67 -24.90 26.11
CA GLU B 33 -8.55 -25.04 25.21
C GLU B 33 -7.44 -24.07 25.64
N ARG B 34 -6.20 -24.46 25.42
CA ARG B 34 -5.06 -23.59 25.61
C ARG B 34 -4.85 -22.74 24.35
N ALA B 35 -4.66 -21.43 24.53
CA ALA B 35 -4.42 -20.51 23.41
C ALA B 35 -3.21 -19.63 23.64
N LEU B 36 -2.44 -19.43 22.58
CA LEU B 36 -1.29 -18.53 22.62
C LEU B 36 -1.69 -17.07 22.74
N ILE B 37 -0.95 -16.37 23.59
CA ILE B 37 -1.09 -14.92 23.70
C ILE B 37 0.26 -14.39 23.28
N THR B 38 0.27 -13.53 22.27
CA THR B 38 1.49 -12.94 21.79
C THR B 38 1.35 -11.45 22.07
N ASN B 39 1.49 -11.09 23.32
CA ASN B 39 1.46 -9.69 23.75
C ASN B 39 2.00 -9.66 25.17
N THR B 40 3.10 -8.94 25.36
CA THR B 40 3.79 -8.88 26.66
C THR B 40 3.08 -7.97 27.67
N GLY B 41 2.07 -7.25 27.20
CA GLY B 41 1.24 -6.35 28.02
C GLY B 41 0.35 -7.07 29.02
N ARG B 42 -0.07 -6.34 30.05
CA ARG B 42 -0.98 -6.89 31.06
C ARG B 42 -2.38 -7.07 30.49
N LEU B 43 -2.78 -6.15 29.62
CA LEU B 43 -4.10 -6.17 28.96
C LEU B 43 -5.23 -6.34 30.01
N ASN B 44 -5.18 -5.53 31.08
CA ASN B 44 -6.04 -5.74 32.25
C ASN B 44 -7.51 -5.58 31.93
N GLU B 45 -7.83 -4.65 31.02
CA GLU B 45 -9.19 -4.34 30.66
C GLU B 45 -9.85 -5.46 29.83
N PHE B 46 -9.03 -6.39 29.30
CA PHE B 46 -9.47 -7.47 28.41
C PHE B 46 -9.42 -8.86 29.02
N MET B 47 -8.33 -9.13 29.74
CA MET B 47 -8.06 -10.40 30.40
C MET B 47 -8.91 -10.55 31.68
N ILE B 48 -10.21 -10.68 31.48
CA ILE B 48 -11.15 -10.82 32.59
C ILE B 48 -11.98 -12.09 32.33
N PRO B 49 -12.03 -13.01 33.31
CA PRO B 49 -12.80 -14.24 33.05
C PRO B 49 -14.24 -13.90 32.60
N GLY B 50 -14.69 -14.51 31.52
CA GLY B 50 -16.05 -14.31 31.03
C GLY B 50 -16.18 -13.45 29.79
N ARG B 51 -15.15 -12.68 29.51
CA ARG B 51 -15.15 -11.84 28.30
C ARG B 51 -15.02 -12.68 27.04
N ILE B 52 -15.68 -12.22 25.98
CA ILE B 52 -15.68 -12.91 24.71
C ILE B 52 -14.42 -12.51 23.95
N GLY B 53 -13.66 -13.52 23.55
CA GLY B 53 -12.50 -13.33 22.66
C GLY B 53 -12.65 -14.09 21.37
N TYR B 54 -11.61 -14.03 20.53
CA TYR B 54 -11.62 -14.68 19.23
C TYR B 54 -10.32 -15.35 19.00
N CYS B 55 -10.39 -16.64 18.76
CA CYS B 55 -9.21 -17.43 18.45
C CYS B 55 -9.15 -17.82 16.98
N THR B 56 -7.96 -18.20 16.55
CA THR B 56 -7.77 -18.79 15.22
C THR B 56 -6.85 -19.99 15.35
N PRO B 57 -7.02 -21.01 14.48
CA PRO B 57 -6.13 -22.17 14.54
C PRO B 57 -4.66 -21.85 14.20
N LYS B 58 -3.75 -22.56 14.85
CA LYS B 58 -2.33 -22.53 14.52
C LYS B 58 -1.87 -23.95 14.24
N ALA B 59 -0.96 -24.10 13.28
CA ALA B 59 -0.43 -25.40 12.90
C ALA B 59 0.92 -25.71 13.55
N GLY B 60 1.55 -24.69 14.15
CA GLY B 60 2.92 -24.80 14.67
C GLY B 60 3.14 -25.43 16.04
N GLY B 61 2.86 -26.73 16.14
CA GLY B 61 3.25 -27.53 17.32
C GLY B 61 2.59 -27.23 18.65
N LYS B 62 3.28 -26.44 19.49
CA LYS B 62 2.96 -26.31 20.92
C LYS B 62 1.49 -26.02 21.24
N THR B 63 0.98 -24.85 20.84
CA THR B 63 -0.46 -24.55 20.98
C THR B 63 -1.15 -24.65 19.62
N ARG B 64 -2.41 -25.08 19.62
CA ARG B 64 -3.21 -25.23 18.40
C ARG B 64 -4.19 -24.07 18.17
N TYR B 65 -4.21 -23.10 19.09
CA TYR B 65 -5.03 -21.88 18.90
C TYR B 65 -4.24 -20.64 19.26
N ILE B 66 -4.48 -19.56 18.53
CA ILE B 66 -3.99 -18.24 18.91
C ILE B 66 -5.16 -17.37 19.33
N LEU B 67 -5.05 -16.72 20.49
CA LEU B 67 -6.03 -15.74 20.93
C LEU B 67 -5.69 -14.40 20.24
N LEU B 68 -6.44 -14.06 19.20
CA LEU B 68 -6.15 -12.87 18.39
C LEU B 68 -6.62 -11.58 19.01
N GLY B 69 -7.72 -11.64 19.74
CA GLY B 69 -8.31 -10.42 20.27
C GLY B 69 -9.59 -10.62 21.05
N PHE B 70 -10.19 -9.52 21.50
CA PHE B 70 -11.38 -9.51 22.36
C PHE B 70 -12.48 -8.69 21.72
N GLU B 71 -13.72 -9.12 21.91
CA GLU B 71 -14.84 -8.29 21.52
C GLU B 71 -14.83 -6.92 22.21
N ASP B 72 -15.07 -5.87 21.42
CA ASP B 72 -14.97 -4.51 21.90
C ASP B 72 -15.84 -3.60 21.00
N HIS B 73 -16.88 -2.99 21.56
CA HIS B 73 -17.80 -2.12 20.79
C HIS B 73 -18.30 -2.75 19.48
N GLY B 74 -18.65 -4.03 19.55
CA GLY B 74 -19.17 -4.77 18.39
C GLY B 74 -18.15 -5.11 17.33
N LYS B 75 -16.87 -4.90 17.63
CA LYS B 75 -15.77 -5.24 16.71
C LYS B 75 -14.76 -6.02 17.52
N ILE B 76 -13.53 -6.15 17.04
CA ILE B 76 -12.53 -6.89 17.79
C ILE B 76 -11.29 -6.04 17.97
N ALA B 77 -10.84 -5.90 19.22
CA ALA B 77 -9.55 -5.30 19.54
C ALA B 77 -8.48 -6.37 19.34
N ILE B 78 -7.49 -6.08 18.49
CA ILE B 78 -6.49 -7.09 18.16
C ILE B 78 -5.34 -6.99 19.16
N ILE B 79 -5.13 -8.07 19.91
CA ILE B 79 -4.10 -8.08 20.94
C ILE B 79 -2.82 -8.77 20.40
N ASP B 80 -2.98 -9.61 19.37
CA ASP B 80 -1.88 -10.44 18.88
C ASP B 80 -0.92 -9.55 18.12
N THR B 81 0.33 -9.50 18.57
CA THR B 81 1.24 -8.56 17.94
C THR B 81 1.71 -9.02 16.54
N ARG B 82 1.72 -10.33 16.28
CA ARG B 82 2.05 -10.81 14.95
C ARG B 82 0.95 -10.37 13.96
N LEU B 83 -0.32 -10.36 14.40
CA LEU B 83 -1.37 -9.92 13.50
C LEU B 83 -1.30 -8.41 13.32
N GLN B 84 -0.98 -7.69 14.39
CA GLN B 84 -0.86 -6.23 14.29
C GLN B 84 0.29 -5.95 13.30
N GLY B 85 1.37 -6.75 13.40
CA GLY B 85 2.49 -6.71 12.42
C GLY B 85 2.03 -6.94 10.97
N LYS B 86 1.25 -7.99 10.74
CA LYS B 86 0.75 -8.27 9.40
C LYS B 86 -0.09 -7.10 8.89
N ALA B 87 -0.90 -6.51 9.77
CA ALA B 87 -1.70 -5.32 9.42
C ALA B 87 -0.79 -4.17 8.99
N PHE B 88 0.29 -3.96 9.74
CA PHE B 88 1.23 -2.91 9.38
C PHE B 88 1.86 -3.15 8.02
N GLU B 89 2.22 -4.40 7.74
CA GLU B 89 2.75 -4.72 6.45
C GLU B 89 1.76 -4.35 5.32
N LYS B 90 0.46 -4.53 5.55
CA LYS B 90 -0.55 -4.14 4.56
C LYS B 90 -0.61 -2.63 4.41
N ILE B 91 -0.50 -1.89 5.54
CA ILE B 91 -0.42 -0.42 5.52
C ILE B 91 0.72 0.07 4.61
N ILE B 92 1.88 -0.58 4.70
CA ILE B 92 3.03 -0.30 3.82
C ILE B 92 2.69 -0.66 2.36
N GLU B 93 2.15 -1.86 2.16
CA GLU B 93 1.76 -2.34 0.81
C GLU B 93 0.74 -1.42 0.15
N LYS B 94 -0.23 -0.97 0.92
CA LYS B 94 -1.32 -0.17 0.37
C LYS B 94 -1.06 1.34 0.47
N GLU B 95 0.15 1.71 0.89
CA GLU B 95 0.64 3.11 0.85
C GLU B 95 -0.25 4.11 1.58
N LEU B 96 -0.71 3.72 2.75
CA LEU B 96 -1.67 4.52 3.48
C LEU B 96 -1.04 5.74 4.15
N LEU B 97 0.27 5.65 4.40
CA LEU B 97 1.04 6.80 4.90
C LEU B 97 1.71 7.45 3.69
N PRO B 98 1.30 8.69 3.34
CA PRO B 98 1.73 9.26 2.06
C PRO B 98 3.25 9.35 1.95
N GLU B 99 3.90 9.73 3.04
CA GLU B 99 5.37 9.86 3.04
C GLU B 99 6.12 8.52 2.87
N LEU B 100 5.41 7.41 3.04
CA LEU B 100 5.99 6.07 2.79
C LEU B 100 5.60 5.41 1.45
N GLU B 101 5.00 6.17 0.54
CA GLU B 101 4.56 5.65 -0.77
C GLU B 101 5.74 5.13 -1.60
N GLY B 102 5.59 3.91 -2.12
CA GLY B 102 6.63 3.26 -2.92
C GLY B 102 7.61 2.45 -2.09
N CYS B 103 7.65 2.70 -0.78
CA CYS B 103 8.55 2.00 0.15
C CYS B 103 8.12 0.55 0.33
N ARG B 104 9.10 -0.31 0.59
CA ARG B 104 8.86 -1.74 0.76
C ARG B 104 9.74 -2.26 1.89
N ILE B 105 9.24 -3.27 2.59
CA ILE B 105 10.00 -3.92 3.66
C ILE B 105 11.09 -4.80 3.03
N ILE B 106 12.34 -4.54 3.41
CA ILE B 106 13.46 -5.33 2.94
C ILE B 106 14.04 -6.31 3.98
N LYS B 107 13.80 -6.04 5.26
CA LYS B 107 14.26 -6.92 6.35
C LYS B 107 13.25 -6.91 7.48
N ARG B 108 12.94 -8.10 8.00
CA ARG B 108 12.16 -8.23 9.22
C ARG B 108 13.10 -8.53 10.36
N GLU B 109 12.87 -7.86 11.47
CA GLU B 109 13.72 -8.02 12.66
C GLU B 109 15.21 -7.77 12.41
N PRO B 110 15.57 -6.62 11.81
CA PRO B 110 17.01 -6.35 11.66
C PRO B 110 17.65 -6.05 13.01
N ARG B 111 18.91 -6.46 13.19
CA ARG B 111 19.65 -6.03 14.37
C ARG B 111 20.04 -4.56 14.28
N VAL B 112 19.86 -3.83 15.37
CA VAL B 112 20.30 -2.44 15.48
C VAL B 112 21.00 -2.28 16.84
N GLY B 113 22.32 -2.11 16.77
CA GLY B 113 23.10 -2.05 18.01
C GLY B 113 22.89 -3.36 18.73
N GLU B 114 22.46 -3.27 19.98
CA GLU B 114 22.23 -4.46 20.77
C GLU B 114 20.75 -4.91 20.79
N SER B 115 19.97 -4.41 19.84
CA SER B 115 18.55 -4.71 19.77
C SER B 115 18.14 -5.30 18.44
N ARG B 116 16.93 -5.88 18.41
CA ARG B 116 16.26 -6.22 17.16
C ARG B 116 15.05 -5.28 17.01
N LEU B 117 15.01 -4.49 15.94
CA LEU B 117 13.83 -3.63 15.65
C LEU B 117 12.95 -4.34 14.64
N ASP B 118 11.72 -3.87 14.42
CA ASP B 118 10.80 -4.69 13.65
C ASP B 118 11.08 -4.80 12.15
N TYR B 119 11.38 -3.67 11.54
CA TYR B 119 11.50 -3.60 10.08
C TYR B 119 12.61 -2.67 9.65
N LEU B 120 13.25 -3.05 8.55
CA LEU B 120 14.02 -2.12 7.72
C LEU B 120 13.25 -1.95 6.43
N ILE B 121 12.93 -0.70 6.13
CA ILE B 121 12.13 -0.37 4.97
C ILE B 121 12.97 0.46 4.00
N GLU B 122 12.87 0.13 2.71
CA GLU B 122 13.59 0.90 1.70
C GLU B 122 12.63 1.77 0.88
N CYS B 123 13.00 3.04 0.74
CA CYS B 123 12.23 4.04 0.00
C CYS B 123 13.06 4.59 -1.16
N SER B 124 12.45 5.43 -1.99
CA SER B 124 13.14 5.98 -3.15
C SER B 124 14.49 6.59 -2.76
N LYS B 125 14.51 7.36 -1.67
CA LYS B 125 15.65 8.21 -1.36
C LYS B 125 16.58 7.63 -0.31
N GLY B 126 16.11 6.63 0.43
CA GLY B 126 16.95 5.95 1.40
C GLY B 126 16.16 4.91 2.16
N GLU B 127 16.65 4.56 3.34
CA GLU B 127 16.06 3.49 4.15
C GLU B 127 15.55 4.06 5.44
N ILE B 128 14.62 3.33 6.07
CA ILE B 128 14.08 3.76 7.37
C ILE B 128 13.93 2.53 8.28
N PHE B 129 14.37 2.66 9.52
CA PHE B 129 14.17 1.65 10.56
C PHE B 129 12.86 1.92 11.27
N VAL B 130 12.07 0.88 11.42
CA VAL B 130 10.71 1.05 11.97
C VAL B 130 10.46 0.05 13.09
N GLU B 131 9.97 0.58 14.21
CA GLU B 131 9.50 -0.29 15.31
C GLU B 131 8.05 -0.01 15.53
N THR B 132 7.24 -1.07 15.59
CA THR B 132 5.83 -0.94 15.87
C THR B 132 5.54 -1.46 17.28
N LYS B 133 4.63 -0.78 17.97
CA LYS B 133 4.25 -1.15 19.33
C LYS B 133 2.76 -1.24 19.42
N SER B 134 2.32 -2.22 20.21
CA SER B 134 0.90 -2.36 20.50
C SER B 134 0.40 -1.20 21.36
N ALA B 135 -0.72 -0.61 20.97
CA ALA B 135 -1.35 0.43 21.77
C ALA B 135 -2.81 0.13 21.95
N VAL B 136 -3.10 -0.93 22.71
CA VAL B 136 -4.52 -1.31 22.92
C VAL B 136 -5.01 -1.08 24.35
N LEU B 137 -4.30 -0.23 25.11
CA LEU B 137 -4.79 0.28 26.39
C LEU B 137 -5.58 1.55 26.04
N ARG B 138 -6.85 1.58 26.42
CA ARG B 138 -7.73 2.72 26.07
C ARG B 138 -8.08 3.58 27.28
N GLU B 139 -7.96 4.89 27.12
CA GLU B 139 -8.49 5.85 28.08
C GLU B 139 -9.31 6.88 27.33
N GLY B 140 -10.63 6.83 27.45
CA GLY B 140 -11.50 7.67 26.60
C GLY B 140 -11.20 7.53 25.11
N GLU B 141 -10.78 8.65 24.49
CA GLU B 141 -10.50 8.69 23.05
C GLU B 141 -9.06 8.25 22.71
N TYR B 142 -8.28 7.92 23.73
CA TYR B 142 -6.84 7.64 23.58
C TYR B 142 -6.50 6.16 23.58
N ALA B 143 -5.77 5.73 22.55
CA ALA B 143 -5.02 4.50 22.61
C ALA B 143 -3.67 4.87 23.22
N MET B 144 -3.10 3.94 24.00
CA MET B 144 -1.95 4.25 24.81
C MET B 144 -0.96 3.09 24.87
N TYR B 145 0.30 3.43 25.18
CA TYR B 145 1.41 2.48 25.39
C TYR B 145 2.37 3.08 26.43
N PRO B 146 2.98 2.25 27.30
CA PRO B 146 2.76 0.83 27.51
C PRO B 146 1.87 0.63 28.73
N ASP B 147 1.38 -0.60 28.96
CA ASP B 147 0.51 -0.77 30.12
C ASP B 147 1.26 -1.28 31.36
N CYS B 148 2.56 -1.49 31.18
CA CYS B 148 3.46 -1.89 32.26
C CYS B 148 4.88 -1.55 31.87
N PRO B 149 5.83 -1.68 32.82
CA PRO B 149 7.23 -1.39 32.46
C PRO B 149 7.82 -2.31 31.37
N SER B 150 8.65 -1.75 30.51
CA SER B 150 9.25 -2.50 29.42
C SER B 150 10.63 -1.96 29.17
N VAL B 151 11.63 -2.62 29.76
CA VAL B 151 13.02 -2.27 29.49
C VAL B 151 13.37 -2.53 28.00
N ARG B 152 12.71 -3.50 27.39
CA ARG B 152 12.89 -3.74 25.97
C ARG B 152 12.37 -2.54 25.15
N GLY B 153 11.17 -2.08 25.49
CA GLY B 153 10.59 -0.85 24.94
C GLY B 153 11.55 0.32 25.06
N GLN B 154 12.08 0.52 26.27
CA GLN B 154 13.04 1.60 26.52
C GLN B 154 14.26 1.47 25.62
N ARG B 155 14.83 0.26 25.53
CA ARG B 155 16.02 0.01 24.70
C ARG B 155 15.76 0.33 23.23
N HIS B 156 14.60 -0.08 22.71
CA HIS B 156 14.23 0.19 21.32
C HIS B 156 14.13 1.68 21.02
N ILE B 157 13.48 2.41 21.92
CA ILE B 157 13.36 3.87 21.78
C ILE B 157 14.75 4.54 21.80
N LYS B 158 15.61 4.07 22.70
CA LYS B 158 17.00 4.54 22.72
C LYS B 158 17.76 4.21 21.44
N GLU B 159 17.56 3.02 20.85
CA GLU B 159 18.16 2.71 19.55
C GLU B 159 17.68 3.65 18.43
N LEU B 160 16.38 3.93 18.43
CA LEU B 160 15.79 4.87 17.46
C LEU B 160 16.35 6.29 17.62
N ILE B 161 16.49 6.74 18.88
CA ILE B 161 17.05 8.09 19.15
C ILE B 161 18.47 8.13 18.57
N LYS B 162 19.24 7.07 18.84
CA LYS B 162 20.66 7.04 18.40
C LYS B 162 20.76 7.09 16.88
N LEU B 163 19.92 6.31 16.21
CA LEU B 163 19.84 6.31 14.75
C LEU B 163 19.51 7.70 14.20
N ALA B 164 18.47 8.30 14.75
CA ALA B 164 18.07 9.65 14.35
C ALA B 164 19.17 10.70 14.54
N ARG B 165 19.86 10.65 15.66
CA ARG B 165 21.05 11.50 15.89
C ARG B 165 22.21 11.26 14.95
N ASP B 166 22.42 10.01 14.54
CA ASP B 166 23.45 9.71 13.53
C ASP B 166 22.98 10.02 12.09
N GLY B 167 21.80 10.62 11.96
CA GLY B 167 21.29 11.04 10.66
C GLY B 167 20.52 10.01 9.86
N LYS B 168 20.21 8.86 10.47
CA LYS B 168 19.46 7.81 9.81
C LYS B 168 17.97 8.04 10.08
N ARG B 169 17.13 7.62 9.13
CA ARG B 169 15.67 7.77 9.31
C ARG B 169 15.18 6.66 10.25
N ALA B 170 14.30 7.04 11.18
CA ALA B 170 13.85 6.14 12.25
C ALA B 170 12.41 6.52 12.62
N MET B 171 11.56 5.51 12.79
CA MET B 171 10.18 5.74 13.08
C MET B 171 9.65 4.72 14.09
N ILE B 172 8.81 5.21 14.99
CA ILE B 172 8.03 4.35 15.87
C ILE B 172 6.54 4.49 15.51
N VAL B 173 5.86 3.37 15.36
CA VAL B 173 4.42 3.41 14.97
C VAL B 173 3.63 2.68 16.05
N PHE B 174 2.67 3.39 16.65
CA PHE B 174 1.81 2.76 17.64
C PHE B 174 0.60 2.24 16.92
N ILE B 175 0.31 0.96 17.14
CA ILE B 175 -0.82 0.30 16.47
C ILE B 175 -2.02 0.30 17.45
N GLY B 176 -2.89 1.30 17.31
CA GLY B 176 -4.14 1.46 18.13
C GLY B 176 -5.16 0.48 17.57
N ALA B 177 -4.93 -0.80 17.81
CA ALA B 177 -5.70 -1.85 17.14
C ALA B 177 -7.03 -2.12 17.86
N LEU B 178 -7.74 -1.05 18.17
CA LEU B 178 -9.08 -1.18 18.74
C LEU B 178 -10.02 -0.06 18.29
N PRO B 179 -11.33 -0.28 18.41
CA PRO B 179 -12.26 0.77 17.99
C PRO B 179 -12.38 1.92 18.98
N ASN B 180 -13.04 3.00 18.56
CA ASN B 180 -13.41 4.09 19.44
C ASN B 180 -12.23 4.86 20.03
N VAL B 181 -11.16 4.94 19.23
CA VAL B 181 -10.05 5.82 19.58
C VAL B 181 -9.78 6.74 18.39
N SER B 182 -9.43 7.98 18.69
CA SER B 182 -9.04 8.94 17.66
C SER B 182 -7.69 9.60 17.97
N LYS B 183 -7.13 9.29 19.15
CA LYS B 183 -5.87 9.88 19.63
C LYS B 183 -4.94 8.84 20.26
N PHE B 184 -3.67 9.22 20.40
CA PHE B 184 -2.65 8.42 21.08
C PHE B 184 -1.90 9.27 22.09
N LYS B 185 -1.59 8.72 23.26
CA LYS B 185 -0.64 9.33 24.20
C LYS B 185 0.07 8.22 24.95
N PRO B 186 1.32 8.45 25.40
CA PRO B 186 1.97 7.50 26.31
C PRO B 186 1.22 7.41 27.63
N TYR B 187 1.32 6.24 28.26
CA TYR B 187 0.78 6.00 29.59
C TYR B 187 1.94 6.13 30.58
N LYS B 188 2.14 7.33 31.12
CA LYS B 188 3.25 7.61 32.04
C LYS B 188 3.33 6.62 33.23
N LYS B 189 2.19 6.30 33.83
CA LYS B 189 2.13 5.34 34.95
C LYS B 189 2.62 3.95 34.56
N GLY B 190 2.41 3.56 33.30
CA GLY B 190 2.90 2.28 32.81
C GLY B 190 4.40 2.16 32.79
N ASP B 191 5.09 3.17 32.25
CA ASP B 191 6.54 3.25 32.23
C ASP B 191 6.92 4.73 32.11
N PRO B 192 7.30 5.37 33.24
CA PRO B 192 7.66 6.77 33.16
C PRO B 192 8.87 7.03 32.28
N LYS B 193 9.77 6.06 32.16
CA LYS B 193 10.99 6.25 31.36
C LYS B 193 10.63 6.38 29.88
N ILE B 194 9.72 5.50 29.46
CA ILE B 194 9.19 5.51 28.10
C ILE B 194 8.48 6.84 27.76
N ALA B 195 7.66 7.38 28.67
CA ALA B 195 7.01 8.67 28.43
C ALA B 195 8.05 9.75 28.16
N GLU B 196 9.10 9.81 28.99
CA GLU B 196 10.18 10.77 28.76
C GLU B 196 11.02 10.48 27.50
N LEU B 197 11.39 9.21 27.28
CA LEU B 197 12.15 8.79 26.10
C LEU B 197 11.43 9.15 24.78
N LEU B 198 10.11 9.08 24.78
CA LEU B 198 9.34 9.44 23.58
C LEU B 198 9.43 10.95 23.28
N LYS B 199 9.44 11.78 24.31
CA LYS B 199 9.61 13.23 24.13
C LYS B 199 10.98 13.49 23.55
N GLU B 200 11.97 12.74 24.02
CA GLU B 200 13.34 12.88 23.51
C GLU B 200 13.46 12.41 22.07
N ALA B 201 12.78 11.32 21.75
CA ALA B 201 12.72 10.76 20.38
C ALA B 201 12.18 11.79 19.41
N LEU B 202 11.13 12.52 19.80
CA LEU B 202 10.59 13.58 18.92
C LEU B 202 11.64 14.66 18.68
N GLU B 203 12.28 15.12 19.75
CA GLU B 203 13.30 16.16 19.64
C GLU B 203 14.49 15.73 18.79
N ALA B 204 14.81 14.42 18.80
CA ALA B 204 15.98 13.89 18.08
C ALA B 204 15.71 13.63 16.60
N GLY B 205 14.42 13.56 16.22
CA GLY B 205 14.06 13.31 14.84
C GLY B 205 13.52 11.93 14.54
N VAL B 206 13.18 11.20 15.59
CA VAL B 206 12.45 9.95 15.41
C VAL B 206 11.00 10.31 15.06
N GLU B 207 10.56 9.84 13.91
CA GLU B 207 9.18 10.04 13.50
C GLU B 207 8.23 9.18 14.32
N ILE B 208 7.14 9.79 14.81
CA ILE B 208 6.16 9.01 15.61
C ILE B 208 4.81 9.07 14.90
N ARG B 209 4.22 7.88 14.65
CA ARG B 209 2.92 7.78 14.03
C ARG B 209 2.05 6.89 14.91
N ALA B 210 0.76 7.13 14.87
CA ALA B 210 -0.17 6.21 15.54
C ALA B 210 -1.35 5.92 14.58
N LEU B 211 -1.74 4.65 14.49
CA LEU B 211 -2.78 4.21 13.53
C LEU B 211 -3.96 3.57 14.23
N GLY B 212 -5.17 3.90 13.77
CA GLY B 212 -6.40 3.31 14.34
C GLY B 212 -6.87 2.20 13.43
N LEU B 213 -7.03 1.01 13.99
CA LEU B 213 -7.53 -0.08 13.16
C LEU B 213 -8.31 -1.03 14.07
N HIS B 214 -9.02 -1.95 13.45
CA HIS B 214 -9.75 -3.00 14.23
C HIS B 214 -10.04 -4.20 13.35
N MET B 215 -10.57 -5.28 13.95
CA MET B 215 -11.07 -6.38 13.15
C MET B 215 -12.57 -6.49 13.33
N GLU B 216 -13.26 -6.75 12.22
CA GLU B 216 -14.72 -6.94 12.26
C GLU B 216 -14.96 -8.37 12.68
N LEU B 217 -16.17 -8.65 13.17
CA LEU B 217 -16.56 -10.02 13.56
C LEU B 217 -16.51 -11.01 12.39
N SER B 218 -16.54 -10.48 11.17
CA SER B 218 -16.43 -11.29 9.97
C SER B 218 -14.97 -11.52 9.54
N GLY B 219 -14.03 -11.00 10.32
CA GLY B 219 -12.58 -11.25 10.08
C GLY B 219 -11.87 -10.21 9.20
N GLU B 220 -12.61 -9.27 8.63
CA GLU B 220 -11.98 -8.16 7.89
C GLU B 220 -11.21 -7.22 8.82
N ILE B 221 -9.95 -6.93 8.49
CA ILE B 221 -9.19 -5.93 9.26
C ILE B 221 -9.25 -4.58 8.55
N ILE B 222 -9.77 -3.59 9.28
CA ILE B 222 -10.12 -2.29 8.76
C ILE B 222 -9.19 -1.22 9.31
N TYR B 223 -8.56 -0.48 8.40
CA TYR B 223 -7.79 0.71 8.78
C TYR B 223 -8.71 1.91 8.78
N ARG B 224 -8.76 2.59 9.92
CA ARG B 224 -9.66 3.75 10.03
C ARG B 224 -8.96 5.08 9.71
N GLY B 225 -7.66 5.14 9.96
CA GLY B 225 -6.92 6.42 9.81
C GLY B 225 -5.91 6.63 10.93
N GLU B 226 -5.19 7.77 10.90
CA GLU B 226 -4.16 8.02 11.91
C GLU B 226 -4.77 8.60 13.15
N LEU B 227 -4.18 8.24 14.29
CA LEU B 227 -4.57 8.80 15.57
C LEU B 227 -3.79 10.10 15.82
N GLY B 228 -4.47 11.08 16.42
CA GLY B 228 -3.81 12.31 16.86
C GLY B 228 -2.79 12.06 17.96
N VAL B 229 -1.51 12.33 17.66
CA VAL B 229 -0.39 12.02 18.57
C VAL B 229 -0.19 13.13 19.59
N GLU B 230 -0.25 12.77 20.85
CA GLU B 230 0.13 13.71 21.93
C GLU B 230 1.23 13.11 22.79
N ILE B 231 2.40 13.73 22.77
CA ILE B 231 3.57 13.27 23.50
C ILE B 231 3.99 14.32 24.53
CA CA C . 1.09 8.09 -12.87
CA CA D . 4.05 9.45 -10.59
CA CA E . 7.31 -4.50 17.84
CA CA F . 10.13 -7.35 17.04
#